data_1W0H
#
_entry.id   1W0H
#
_cell.length_a   101.600
_cell.length_b   101.600
_cell.length_c   100.400
_cell.angle_alpha   90.00
_cell.angle_beta   90.00
_cell.angle_gamma   120.00
#
_symmetry.space_group_name_H-M   'P 61 2 2'
#
loop_
_entity.id
_entity.type
_entity.pdbx_description
1 polymer "3'-5' EXONUCLEASE ERI1"
2 non-polymer 'MAGNESIUM ION'
3 non-polymer 'ADENOSINE MONOPHOSPHATE'
4 water water
#
_entity_poly.entity_id   1
_entity_poly.type   'polypeptide(L)'
_entity_poly.pdbx_seq_one_letter_code
;GSH(MSE)ADSYYDYICIIDFEATCEEGNPPEFVHEIIEFPVVLLNTHTLEIEDTFQQYVRPEINTQLSDFCISLTGITQ
DQVDRADTFPQVLKKVIDW(MSE)KLKELGTKYKYSLLTDGSWD(MSE)SKFLNIQCQLSRLKYPPFAKKWINIRKSYGN
FYKVPRSQTKLTI(MSE)LEKLG(MSE)DYDGRPHCGLDDSKNIARIAVR(MSE)LQDGCELRINEK(MSE)
;
_entity_poly.pdbx_strand_id   A
#
loop_
_chem_comp.id
_chem_comp.type
_chem_comp.name
_chem_comp.formula
AMP non-polymer 'ADENOSINE MONOPHOSPHATE' 'C10 H14 N5 O7 P'
MG non-polymer 'MAGNESIUM ION' 'Mg 2'
#
# COMPACT_ATOMS: atom_id res chain seq x y z
N ALA A 5 -4.34 -7.57 -21.99
CA ALA A 5 -4.45 -6.79 -20.72
C ALA A 5 -4.25 -5.28 -20.96
N ASP A 6 -4.92 -4.46 -20.14
CA ASP A 6 -4.91 -3.01 -20.30
C ASP A 6 -3.52 -2.41 -20.12
N SER A 7 -3.05 -1.70 -21.16
CA SER A 7 -1.70 -1.16 -21.19
C SER A 7 -1.67 0.36 -21.01
N TYR A 8 -2.75 0.91 -20.47
CA TYR A 8 -2.90 2.34 -20.25
C TYR A 8 -1.77 2.92 -19.39
N TYR A 9 -1.38 2.19 -18.34
CA TYR A 9 -0.19 2.53 -17.55
C TYR A 9 0.90 1.53 -17.89
N ASP A 10 2.15 1.95 -17.82
CA ASP A 10 3.25 1.03 -18.03
C ASP A 10 3.49 0.24 -16.75
N TYR A 11 3.29 0.91 -15.62
CA TYR A 11 3.52 0.32 -14.29
C TYR A 11 2.45 0.77 -13.33
N ILE A 12 2.13 -0.11 -12.38
CA ILE A 12 1.27 0.21 -11.25
C ILE A 12 2.08 -0.05 -9.99
N CYS A 13 2.08 0.92 -9.07
CA CYS A 13 2.80 0.77 -7.81
C CYS A 13 1.78 0.54 -6.71
N ILE A 14 1.88 -0.62 -6.05
CA ILE A 14 0.97 -0.96 -4.94
C ILE A 14 1.64 -0.62 -3.63
N ILE A 15 0.95 0.17 -2.81
CA ILE A 15 1.48 0.59 -1.51
C ILE A 15 0.40 0.34 -0.47
N ASP A 16 0.75 -0.43 0.56
CA ASP A 16 -0.14 -0.71 1.67
C ASP A 16 0.69 -0.61 2.96
N PHE A 17 0.43 0.43 3.75
CA PHE A 17 1.20 0.69 4.96
C PHE A 17 0.79 -0.18 6.14
N GLU A 18 1.76 -0.40 7.04
CA GLU A 18 1.39 -0.71 8.43
C GLU A 18 1.70 0.50 9.29
N ALA A 19 0.93 0.65 10.36
CA ALA A 19 1.07 1.78 11.27
C ALA A 19 1.00 1.36 12.71
N THR A 20 1.54 2.18 13.60
CA THR A 20 1.31 1.97 15.03
C THR A 20 -0.19 1.95 15.32
N CYS A 21 -0.58 1.20 16.34
CA CYS A 21 -1.98 1.10 16.69
C CYS A 21 -2.10 0.58 18.11
N GLU A 22 -3.31 0.69 18.65
CA GLU A 22 -3.65 0.08 19.93
C GLU A 22 -4.92 -0.74 19.76
N GLU A 23 -5.06 -1.72 20.64
CA GLU A 23 -6.24 -2.58 20.60
C GLU A 23 -7.49 -1.71 20.77
N GLY A 24 -8.50 -1.96 19.94
CA GLY A 24 -9.74 -1.21 20.02
C GLY A 24 -9.76 0.04 19.16
N ASN A 25 -8.63 0.36 18.51
CA ASN A 25 -8.58 1.49 17.59
C ASN A 25 -9.07 2.82 18.24
N PRO A 26 -8.47 3.21 19.35
CA PRO A 26 -8.92 4.43 20.06
C PRO A 26 -8.58 5.68 19.24
N PRO A 27 -9.53 6.62 19.09
CA PRO A 27 -9.34 7.75 18.19
C PRO A 27 -8.29 8.75 18.68
N GLU A 28 -7.92 8.70 19.94
CA GLU A 28 -6.93 9.63 20.46
C GLU A 28 -5.50 9.14 20.23
N PHE A 29 -5.33 7.91 19.79
CA PHE A 29 -3.98 7.42 19.51
C PHE A 29 -3.54 7.87 18.12
N VAL A 30 -2.44 8.60 18.03
CA VAL A 30 -2.01 9.15 16.73
C VAL A 30 -1.17 8.14 15.95
N HIS A 31 -1.66 7.72 14.79
CA HIS A 31 -0.95 6.72 13.97
C HIS A 31 0.36 7.25 13.37
N GLU A 32 1.40 6.39 13.39
CA GLU A 32 2.63 6.62 12.62
C GLU A 32 2.92 5.42 11.73
N ILE A 33 3.36 5.68 10.51
CA ILE A 33 3.72 4.60 9.60
C ILE A 33 4.97 3.87 10.12
N ILE A 34 4.89 2.51 10.12
CA ILE A 34 6.03 1.70 10.59
C ILE A 34 6.53 0.73 9.52
N GLU A 35 5.81 0.61 8.41
CA GLU A 35 6.30 -0.15 7.25
C GLU A 35 5.88 0.53 5.97
N PHE A 36 6.86 0.73 5.10
CA PHE A 36 6.66 1.40 3.81
C PHE A 36 7.09 0.45 2.70
N PRO A 37 6.13 -0.32 2.19
CA PRO A 37 6.40 -1.20 1.05
C PRO A 37 5.92 -0.60 -0.26
N VAL A 38 6.58 -0.98 -1.36
CA VAL A 38 6.10 -0.62 -2.68
C VAL A 38 6.28 -1.86 -3.56
N VAL A 39 5.21 -2.25 -4.24
CA VAL A 39 5.30 -3.37 -5.19
C VAL A 39 5.13 -2.80 -6.59
N LEU A 40 6.10 -3.10 -7.45
CA LEU A 40 6.13 -2.55 -8.79
C LEU A 40 5.60 -3.59 -9.79
N LEU A 41 4.41 -3.33 -10.29
CA LEU A 41 3.76 -4.22 -11.25
C LEU A 41 3.91 -3.70 -12.67
N ASN A 42 4.54 -4.53 -13.52
CA ASN A 42 4.68 -4.29 -14.95
C ASN A 42 3.41 -4.74 -15.66
N THR A 43 2.69 -3.80 -16.28
CA THR A 43 1.39 -4.13 -16.89
C THR A 43 1.55 -4.91 -18.20
N HIS A 44 2.74 -4.85 -18.79
CA HIS A 44 3.04 -5.50 -20.07
C HIS A 44 3.32 -6.99 -19.85
N THR A 45 4.19 -7.30 -18.89
CA THR A 45 4.53 -8.68 -18.55
C THR A 45 3.60 -9.28 -17.51
N LEU A 46 2.85 -8.42 -16.82
CA LEU A 46 2.07 -8.80 -15.64
C LEU A 46 2.90 -9.48 -14.53
N GLU A 47 4.18 -9.13 -14.42
CA GLU A 47 5.02 -9.66 -13.37
C GLU A 47 5.28 -8.58 -12.33
N ILE A 48 5.41 -8.98 -11.07
CA ILE A 48 6.00 -8.09 -10.08
C ILE A 48 7.48 -8.00 -10.43
N GLU A 49 7.88 -6.85 -10.96
CA GLU A 49 9.24 -6.64 -11.44
C GLU A 49 10.22 -6.40 -10.31
N ASP A 50 9.78 -5.67 -9.29
CA ASP A 50 10.65 -5.36 -8.16
C ASP A 50 9.79 -4.94 -6.99
N THR A 51 10.42 -4.93 -5.81
CA THR A 51 9.76 -4.42 -4.61
C THR A 51 10.71 -3.56 -3.79
N PHE A 52 10.10 -2.71 -2.96
CA PHE A 52 10.79 -1.86 -2.01
C PHE A 52 10.14 -2.20 -0.66
N GLN A 53 10.96 -2.30 0.40
CA GLN A 53 10.42 -2.45 1.76
C GLN A 53 11.38 -1.87 2.79
N GLN A 54 10.90 -0.92 3.60
CA GLN A 54 11.68 -0.46 4.75
C GLN A 54 10.75 -0.30 5.91
N TYR A 55 11.21 -0.65 7.09
CA TYR A 55 10.51 -0.25 8.30
C TYR A 55 10.81 1.22 8.61
N VAL A 56 9.99 1.78 9.51
CA VAL A 56 10.09 3.19 9.84
C VAL A 56 10.01 3.30 11.35
N ARG A 57 10.88 4.13 11.93
CA ARG A 57 10.97 4.30 13.37
C ARG A 57 10.00 5.38 13.87
N PRO A 58 8.98 5.02 14.61
CA PRO A 58 8.05 6.04 15.12
C PRO A 58 8.69 6.89 16.20
N GLU A 59 8.26 8.15 16.24
CA GLU A 59 8.83 9.13 17.15
C GLU A 59 7.86 9.66 18.21
N ILE A 60 6.57 9.67 17.88
CA ILE A 60 5.53 10.17 18.80
C ILE A 60 5.12 9.10 19.81
N ASN A 61 4.91 7.87 19.33
CA ASN A 61 4.71 6.73 20.21
C ASN A 61 5.77 5.71 19.84
N THR A 62 6.91 5.80 20.51
CA THR A 62 8.08 5.03 20.12
C THR A 62 7.97 3.54 20.41
N GLN A 63 7.19 3.18 21.43
CA GLN A 63 7.08 1.77 21.81
C GLN A 63 5.83 1.17 21.20
N LEU A 64 6.04 0.18 20.33
CA LEU A 64 4.90 -0.54 19.73
C LEU A 64 4.08 -1.23 20.80
N SER A 65 2.76 -1.18 20.67
CA SER A 65 1.93 -1.94 21.61
C SER A 65 2.09 -3.44 21.34
N ASP A 66 1.85 -4.24 22.36
CA ASP A 66 1.78 -5.68 22.13
C ASP A 66 0.77 -6.03 21.04
N PHE A 67 -0.38 -5.35 21.02
CA PHE A 67 -1.37 -5.57 19.99
C PHE A 67 -0.78 -5.32 18.58
N CYS A 68 -0.07 -4.19 18.43
CA CYS A 68 0.51 -3.84 17.13
C CYS A 68 1.53 -4.91 16.69
N ILE A 69 2.38 -5.34 17.62
CA ILE A 69 3.39 -6.36 17.30
C ILE A 69 2.73 -7.68 16.89
N SER A 70 1.68 -8.04 17.62
CA SER A 70 0.94 -9.27 17.30
C SER A 70 0.23 -9.18 15.95
N LEU A 71 -0.40 -8.03 15.68
CA LEU A 71 -1.12 -7.85 14.43
C LEU A 71 -0.22 -7.89 13.21
N THR A 72 0.85 -7.10 13.24
CA THR A 72 1.68 -6.88 12.06
C THR A 72 2.90 -7.77 11.98
N GLY A 73 3.32 -8.35 13.11
CA GLY A 73 4.56 -9.10 13.16
C GLY A 73 5.81 -8.23 13.21
N ILE A 74 5.64 -6.91 13.20
CA ILE A 74 6.78 -6.01 13.27
C ILE A 74 7.21 -5.87 14.72
N THR A 75 8.50 -6.10 14.98
CA THR A 75 8.94 -6.06 16.38
C THR A 75 9.50 -4.71 16.77
N GLN A 76 9.60 -4.49 18.09
CA GLN A 76 10.17 -3.25 18.59
C GLN A 76 11.58 -3.04 18.04
N ASP A 77 12.37 -4.10 17.97
CA ASP A 77 13.73 -3.92 17.51
C ASP A 77 13.82 -3.56 16.03
N GLN A 78 12.90 -4.10 15.23
CA GLN A 78 12.81 -3.75 13.82
C GLN A 78 12.54 -2.27 13.61
N VAL A 79 11.65 -1.68 14.42
CA VAL A 79 11.48 -0.22 14.27
C VAL A 79 12.60 0.57 14.94
N ASP A 80 13.17 0.04 16.02
CA ASP A 80 14.31 0.71 16.69
C ASP A 80 15.50 0.92 15.75
N ARG A 81 15.72 -0.06 14.87
CA ARG A 81 16.85 -0.02 13.95
C ARG A 81 16.53 0.73 12.66
N ALA A 82 15.27 1.13 12.48
CA ALA A 82 14.83 1.77 11.25
C ALA A 82 15.17 3.25 11.18
N ASP A 83 15.11 3.77 9.95
CA ASP A 83 15.26 5.21 9.69
C ASP A 83 13.94 5.95 10.02
N THR A 84 14.04 7.29 10.11
CA THR A 84 12.91 8.21 10.29
C THR A 84 11.98 8.22 9.09
N PHE A 85 10.71 8.62 9.27
CA PHE A 85 9.86 8.70 8.10
C PHE A 85 10.39 9.60 6.97
N PRO A 86 10.89 10.80 7.25
CA PRO A 86 11.44 11.61 6.16
C PRO A 86 12.56 10.88 5.41
N GLN A 87 13.43 10.18 6.13
CA GLN A 87 14.49 9.41 5.45
C GLN A 87 13.93 8.30 4.57
N VAL A 88 12.90 7.61 5.06
CA VAL A 88 12.32 6.52 4.26
C VAL A 88 11.58 7.04 3.04
N LEU A 89 10.79 8.11 3.21
CA LEU A 89 10.11 8.71 2.07
C LEU A 89 11.12 9.17 1.01
N LYS A 90 12.24 9.75 1.45
CA LYS A 90 13.31 10.15 0.54
C LYS A 90 13.80 8.93 -0.27
N LYS A 91 14.01 7.81 0.41
CA LYS A 91 14.42 6.58 -0.28
C LYS A 91 13.38 6.08 -1.27
N VAL A 92 12.10 6.15 -0.91
CA VAL A 92 11.03 5.78 -1.83
C VAL A 92 11.04 6.67 -3.08
N ILE A 93 11.19 7.98 -2.88
CA ILE A 93 11.21 8.91 -4.01
C ILE A 93 12.42 8.59 -4.93
N ASP A 94 13.57 8.32 -4.33
CA ASP A 94 14.76 7.91 -5.10
C ASP A 94 14.52 6.66 -5.92
N TRP A 95 13.89 5.66 -5.28
CA TRP A 95 13.62 4.37 -5.92
C TRP A 95 12.68 4.55 -7.10
N MSE A 96 11.63 5.35 -6.92
CA MSE A 96 10.68 5.62 -8.00
C MSE A 96 11.36 6.33 -9.16
O MSE A 96 11.09 6.05 -10.33
CB MSE A 96 9.49 6.42 -7.48
CG MSE A 96 8.61 5.62 -6.52
SE MSE A 96 7.16 6.68 -5.80
CE MSE A 96 6.06 6.72 -7.40
N LYS A 97 12.26 7.26 -8.82
CA LYS A 97 12.99 7.98 -9.86
C LYS A 97 13.94 7.04 -10.62
N LEU A 98 14.58 6.13 -9.89
CA LEU A 98 15.44 5.09 -10.47
C LEU A 98 14.65 4.22 -11.45
N LYS A 99 13.40 3.92 -11.08
CA LYS A 99 12.52 3.13 -11.94
C LYS A 99 11.95 3.93 -13.11
N GLU A 100 12.33 5.21 -13.18
CA GLU A 100 11.91 6.14 -14.23
C GLU A 100 10.40 6.32 -14.29
N LEU A 101 9.75 6.28 -13.13
CA LEU A 101 8.31 6.49 -13.06
C LEU A 101 7.99 7.97 -13.17
N GLY A 102 7.19 8.31 -14.17
CA GLY A 102 6.74 9.68 -14.34
C GLY A 102 7.57 10.39 -15.39
N THR A 103 8.66 9.74 -15.84
CA THR A 103 9.50 10.24 -16.93
C THR A 103 9.42 9.33 -18.16
N LYS A 104 10.15 8.21 -18.14
CA LYS A 104 10.05 7.21 -19.22
C LYS A 104 8.71 6.47 -19.20
N TYR A 105 8.22 6.18 -17.99
CA TYR A 105 7.06 5.33 -17.81
C TYR A 105 5.86 6.03 -17.19
N LYS A 106 4.69 5.74 -17.73
CA LYS A 106 3.43 6.22 -17.18
C LYS A 106 2.99 5.25 -16.09
N TYR A 107 2.54 5.78 -14.96
CA TYR A 107 2.22 4.92 -13.82
C TYR A 107 1.08 5.46 -12.97
N SER A 108 0.53 4.58 -12.13
CA SER A 108 -0.47 4.96 -11.15
C SER A 108 -0.14 4.22 -9.84
N LEU A 109 -0.57 4.80 -8.72
CA LEU A 109 -0.59 4.08 -7.44
C LEU A 109 -1.88 3.29 -7.38
N LEU A 110 -1.83 2.15 -6.70
CA LEU A 110 -3.03 1.33 -6.47
C LEU A 110 -3.01 0.92 -5.00
N THR A 111 -4.18 1.00 -4.36
CA THR A 111 -4.30 0.77 -2.93
C THR A 111 -5.50 -0.09 -2.59
N ASP A 112 -5.54 -0.52 -1.35
CA ASP A 112 -6.64 -1.30 -0.83
C ASP A 112 -7.69 -0.46 -0.08
N GLY A 113 -7.91 0.78 -0.53
CA GLY A 113 -8.82 1.67 0.17
C GLY A 113 -8.19 3.02 0.46
N SER A 114 -8.99 3.95 0.99
CA SER A 114 -8.50 5.30 1.30
C SER A 114 -7.61 5.32 2.55
N TRP A 115 -7.98 4.55 3.57
CA TRP A 115 -7.16 4.52 4.80
C TRP A 115 -5.78 3.97 4.52
N ASP A 116 -5.75 2.88 3.75
CA ASP A 116 -4.59 1.99 3.73
C ASP A 116 -3.33 2.56 3.12
N MSE A 117 -3.49 3.63 2.34
CA MSE A 117 -2.38 4.36 1.80
C MSE A 117 -2.59 5.84 2.17
O MSE A 117 -1.88 6.38 3.00
CB MSE A 117 -2.27 4.16 0.27
CG MSE A 117 -0.95 4.57 -0.37
SE MSE A 117 -0.76 6.54 -0.51
CE MSE A 117 -2.22 6.83 -1.85
N SER A 118 -3.56 6.48 1.53
CA SER A 118 -3.64 7.94 1.65
C SER A 118 -3.80 8.50 3.08
N LYS A 119 -4.73 7.96 3.89
CA LYS A 119 -4.98 8.58 5.21
C LYS A 119 -3.74 8.41 6.11
N PHE A 120 -3.13 7.21 6.12
CA PHE A 120 -1.90 7.06 6.93
C PHE A 120 -0.80 8.00 6.46
N LEU A 121 -0.68 8.18 5.15
CA LEU A 121 0.35 9.10 4.60
C LEU A 121 0.01 10.54 4.97
N ASN A 122 -1.28 10.88 4.88
CA ASN A 122 -1.74 12.22 5.23
C ASN A 122 -1.44 12.55 6.69
N ILE A 123 -1.79 11.63 7.61
CA ILE A 123 -1.46 11.81 9.00
C ILE A 123 0.06 11.96 9.17
N GLN A 124 0.82 11.05 8.56
CA GLN A 124 2.26 11.03 8.78
C GLN A 124 2.91 12.31 8.26
N CYS A 125 2.44 12.82 7.11
CA CYS A 125 3.05 14.04 6.55
C CYS A 125 2.76 15.24 7.45
N GLN A 126 1.59 15.25 8.08
CA GLN A 126 1.29 16.27 9.10
C GLN A 126 2.30 16.17 10.23
N LEU A 127 2.47 14.96 10.79
CA LEU A 127 3.40 14.79 11.91
C LEU A 127 4.86 15.13 11.59
N SER A 128 5.31 14.77 10.39
CA SER A 128 6.70 14.99 9.96
C SER A 128 6.94 16.37 9.38
N ARG A 129 5.88 17.16 9.26
CA ARG A 129 5.95 18.52 8.66
C ARG A 129 6.51 18.44 7.26
N LEU A 130 5.97 17.52 6.49
CA LEU A 130 6.36 17.32 5.08
C LEU A 130 5.16 17.61 4.23
N LYS A 131 5.41 18.05 3.00
CA LYS A 131 4.29 18.15 2.04
C LYS A 131 3.73 16.77 1.71
N TYR A 132 2.40 16.66 1.65
CA TYR A 132 1.83 15.41 1.13
C TYR A 132 2.28 15.30 -0.32
N PRO A 133 2.94 14.20 -0.72
CA PRO A 133 3.50 14.09 -2.06
C PRO A 133 2.42 14.16 -3.17
N PRO A 134 2.55 15.11 -4.11
CA PRO A 134 1.59 15.19 -5.21
C PRO A 134 1.34 13.86 -5.91
N PHE A 135 2.37 13.02 -6.05
CA PHE A 135 2.17 11.74 -6.76
C PHE A 135 1.16 10.83 -6.06
N ALA A 136 0.98 11.02 -4.75
CA ALA A 136 0.03 10.21 -3.98
C ALA A 136 -1.36 10.81 -3.83
N LYS A 137 -1.69 11.86 -4.60
CA LYS A 137 -2.95 12.57 -4.40
C LYS A 137 -4.12 11.96 -5.19
N LYS A 138 -3.80 11.01 -6.05
CA LYS A 138 -4.83 10.22 -6.73
C LYS A 138 -4.32 8.78 -6.86
N TRP A 139 -5.25 7.83 -6.92
CA TRP A 139 -4.87 6.41 -6.94
C TRP A 139 -6.01 5.58 -7.48
N ILE A 140 -5.69 4.32 -7.76
CA ILE A 140 -6.71 3.31 -8.06
C ILE A 140 -7.03 2.63 -6.75
N ASN A 141 -8.24 2.82 -6.26
CA ASN A 141 -8.73 2.13 -5.10
C ASN A 141 -9.29 0.80 -5.59
N ILE A 142 -8.57 -0.28 -5.30
CA ILE A 142 -8.92 -1.58 -5.90
C ILE A 142 -10.25 -2.14 -5.35
N ARG A 143 -10.65 -1.72 -4.14
CA ARG A 143 -11.97 -2.12 -3.64
C ARG A 143 -13.08 -1.56 -4.52
N LYS A 144 -12.91 -0.30 -4.94
CA LYS A 144 -13.87 0.33 -5.83
C LYS A 144 -13.82 -0.33 -7.20
N SER A 145 -12.62 -0.56 -7.72
CA SER A 145 -12.45 -1.18 -9.05
C SER A 145 -13.11 -2.56 -9.02
N TYR A 146 -12.77 -3.35 -8.02
CA TYR A 146 -13.31 -4.72 -7.91
C TYR A 146 -14.82 -4.75 -7.76
N GLY A 147 -15.36 -3.91 -6.89
CA GLY A 147 -16.79 -3.81 -6.72
C GLY A 147 -17.51 -3.48 -8.01
N ASN A 148 -16.95 -2.56 -8.79
CA ASN A 148 -17.60 -2.14 -10.04
C ASN A 148 -17.43 -3.16 -11.15
N PHE A 149 -16.30 -3.86 -11.16
CA PHE A 149 -16.01 -4.74 -12.29
C PHE A 149 -16.71 -6.09 -12.10
N TYR A 150 -16.63 -6.64 -10.91
CA TYR A 150 -17.27 -7.92 -10.59
C TYR A 150 -18.70 -7.76 -10.06
N LYS A 151 -19.12 -6.51 -9.84
CA LYS A 151 -20.49 -6.21 -9.41
C LYS A 151 -20.82 -6.91 -8.09
N VAL A 152 -20.03 -6.57 -7.07
CA VAL A 152 -20.24 -7.08 -5.71
C VAL A 152 -20.27 -5.90 -4.73
N PRO A 153 -20.98 -6.06 -3.60
CA PRO A 153 -21.05 -4.97 -2.62
C PRO A 153 -19.71 -4.78 -1.90
N ARG A 154 -19.54 -3.61 -1.26
CA ARG A 154 -18.33 -3.29 -0.50
C ARG A 154 -17.98 -4.35 0.54
N SER A 155 -18.99 -4.94 1.15
CA SER A 155 -18.80 -6.00 2.13
C SER A 155 -18.00 -7.19 1.56
N GLN A 156 -18.04 -7.36 0.24
CA GLN A 156 -17.38 -8.48 -0.40
C GLN A 156 -16.07 -8.10 -1.09
N THR A 157 -15.52 -6.94 -0.71
CA THR A 157 -14.20 -6.51 -1.21
C THR A 157 -13.13 -6.44 -0.12
N LYS A 158 -13.38 -7.10 1.00
CA LYS A 158 -12.33 -7.36 1.97
C LYS A 158 -11.23 -8.16 1.26
N LEU A 159 -9.98 -7.96 1.65
CA LEU A 159 -8.86 -8.58 0.92
C LEU A 159 -8.98 -10.10 0.79
N THR A 160 -9.26 -10.81 1.88
CA THR A 160 -9.40 -12.27 1.81
C THR A 160 -10.56 -12.73 0.93
N ILE A 161 -11.64 -11.95 0.90
CA ILE A 161 -12.82 -12.30 0.09
C ILE A 161 -12.54 -12.07 -1.40
N MSE A 162 -11.82 -10.99 -1.70
CA MSE A 162 -11.45 -10.74 -3.10
C MSE A 162 -10.62 -11.91 -3.64
O MSE A 162 -10.85 -12.37 -4.78
CB MSE A 162 -10.66 -9.43 -3.23
CG MSE A 162 -11.50 -8.16 -3.08
SE MSE A 162 -10.57 -6.55 -3.74
CE MSE A 162 -9.28 -6.33 -2.26
N LEU A 163 -9.67 -12.39 -2.84
CA LEU A 163 -8.84 -13.52 -3.22
C LEU A 163 -9.67 -14.79 -3.38
N GLU A 164 -10.49 -15.10 -2.37
CA GLU A 164 -11.30 -16.32 -2.38
C GLU A 164 -12.24 -16.39 -3.58
N LYS A 165 -12.89 -15.27 -3.91
CA LYS A 165 -13.86 -15.24 -5.01
C LYS A 165 -13.17 -15.63 -6.32
N LEU A 166 -11.91 -15.25 -6.45
CA LEU A 166 -11.16 -15.47 -7.69
C LEU A 166 -10.39 -16.80 -7.69
N GLY A 167 -10.59 -17.62 -6.66
CA GLY A 167 -9.93 -18.91 -6.53
C GLY A 167 -8.48 -18.84 -6.10
N MSE A 168 -8.14 -17.76 -5.39
CA MSE A 168 -6.78 -17.56 -4.86
C MSE A 168 -6.71 -17.68 -3.34
O MSE A 168 -7.65 -17.34 -2.63
CB MSE A 168 -6.26 -16.18 -5.26
CG MSE A 168 -5.87 -16.09 -6.71
SE MSE A 168 -5.25 -14.30 -7.13
CE MSE A 168 -6.62 -13.82 -7.37
N ASP A 169 -5.58 -18.17 -2.85
CA ASP A 169 -5.27 -18.15 -1.43
C ASP A 169 -4.42 -16.93 -1.15
N TYR A 170 -4.42 -16.47 0.11
CA TYR A 170 -3.48 -15.44 0.56
C TYR A 170 -2.09 -16.06 0.65
N ASP A 171 -1.12 -15.39 0.05
CA ASP A 171 0.25 -15.86 0.04
C ASP A 171 1.07 -15.02 1.03
N GLY A 172 1.53 -15.64 2.11
CA GLY A 172 2.37 -14.94 3.08
C GLY A 172 1.63 -14.65 4.36
N ARG A 173 2.03 -13.56 5.04
CA ARG A 173 1.49 -13.26 6.35
C ARG A 173 0.62 -12.00 6.30
N PRO A 174 -0.70 -12.12 6.53
CA PRO A 174 -1.55 -10.92 6.59
C PRO A 174 -1.03 -9.88 7.59
N HIS A 175 -1.13 -8.62 7.19
CA HIS A 175 -0.67 -7.46 7.98
C HIS A 175 0.84 -7.27 8.04
N CYS A 176 1.59 -8.07 7.30
CA CYS A 176 2.91 -7.66 6.81
C CYS A 176 2.61 -6.74 5.62
N GLY A 177 3.11 -5.51 5.64
CA GLY A 177 2.76 -4.57 4.57
C GLY A 177 3.21 -5.03 3.18
N LEU A 178 4.41 -5.57 3.08
CA LEU A 178 4.90 -6.06 1.81
C LEU A 178 4.04 -7.25 1.31
N ASP A 179 3.71 -8.18 2.20
CA ASP A 179 2.84 -9.31 1.82
C ASP A 179 1.45 -8.86 1.42
N ASP A 180 0.83 -7.94 2.17
CA ASP A 180 -0.48 -7.42 1.75
C ASP A 180 -0.37 -6.74 0.39
N SER A 181 0.68 -5.94 0.19
CA SER A 181 0.90 -5.26 -1.10
C SER A 181 1.03 -6.26 -2.24
N LYS A 182 1.74 -7.35 -1.98
CA LYS A 182 1.90 -8.39 -3.01
C LYS A 182 0.58 -9.05 -3.35
N ASN A 183 -0.22 -9.33 -2.33
CA ASN A 183 -1.53 -9.95 -2.56
C ASN A 183 -2.49 -9.03 -3.31
N ILE A 184 -2.46 -7.73 -2.98
CA ILE A 184 -3.23 -6.75 -3.70
C ILE A 184 -2.77 -6.72 -5.17
N ALA A 185 -1.46 -6.75 -5.39
CA ALA A 185 -0.89 -6.80 -6.74
C ALA A 185 -1.39 -8.02 -7.49
N ARG A 186 -1.49 -9.17 -6.80
CA ARG A 186 -1.99 -10.41 -7.45
C ARG A 186 -3.41 -10.24 -7.93
N ILE A 187 -4.24 -9.57 -7.13
CA ILE A 187 -5.63 -9.29 -7.53
C ILE A 187 -5.62 -8.38 -8.75
N ALA A 188 -4.82 -7.31 -8.72
CA ALA A 188 -4.73 -6.41 -9.85
C ALA A 188 -4.33 -7.13 -11.13
N VAL A 189 -3.37 -8.04 -11.04
CA VAL A 189 -2.94 -8.86 -12.20
C VAL A 189 -4.15 -9.63 -12.76
N ARG A 190 -4.88 -10.32 -11.89
CA ARG A 190 -6.05 -11.08 -12.35
C ARG A 190 -7.13 -10.18 -12.97
N MSE A 191 -7.35 -9.00 -12.39
CA MSE A 191 -8.32 -8.08 -12.96
C MSE A 191 -7.90 -7.64 -14.37
O MSE A 191 -8.73 -7.57 -15.27
CB MSE A 191 -8.50 -6.85 -12.05
CG MSE A 191 -9.13 -7.27 -10.75
SE MSE A 191 -9.61 -5.73 -9.63
CE MSE A 191 -10.98 -5.06 -10.67
N LEU A 192 -6.61 -7.40 -14.56
CA LEU A 192 -6.11 -7.05 -15.88
C LEU A 192 -6.27 -8.22 -16.85
N GLN A 193 -5.90 -9.42 -16.39
CA GLN A 193 -6.11 -10.66 -17.20
C GLN A 193 -7.59 -10.84 -17.57
N ASP A 194 -8.49 -10.47 -16.65
CA ASP A 194 -9.93 -10.62 -16.85
C ASP A 194 -10.53 -9.55 -17.75
N GLY A 195 -9.70 -8.58 -18.18
CA GLY A 195 -10.15 -7.53 -19.08
C GLY A 195 -10.55 -6.20 -18.45
N CYS A 196 -10.27 -6.01 -17.17
CA CYS A 196 -10.60 -4.75 -16.51
C CYS A 196 -9.63 -3.67 -16.97
N GLU A 197 -10.17 -2.51 -17.26
CA GLU A 197 -9.34 -1.32 -17.51
C GLU A 197 -9.21 -0.58 -16.20
N LEU A 198 -8.14 -0.88 -15.45
CA LEU A 198 -7.92 -0.25 -14.16
C LEU A 198 -7.60 1.22 -14.43
N ARG A 199 -8.27 2.09 -13.71
CA ARG A 199 -8.09 3.53 -13.89
C ARG A 199 -8.16 4.21 -12.54
N ILE A 200 -7.44 5.34 -12.42
CA ILE A 200 -7.58 6.19 -11.25
C ILE A 200 -9.06 6.46 -10.96
N ASN A 201 -9.47 6.27 -9.71
CA ASN A 201 -10.87 6.37 -9.31
C ASN A 201 -11.09 7.00 -7.93
N GLU A 202 -10.01 7.56 -7.37
CA GLU A 202 -10.11 8.25 -6.08
C GLU A 202 -9.08 9.36 -6.04
N LYS A 203 -9.50 10.49 -5.49
CA LYS A 203 -8.64 11.65 -5.38
C LYS A 203 -8.71 12.09 -3.94
N MSE A 204 -7.65 12.75 -3.49
CA MSE A 204 -7.69 13.28 -2.14
C MSE A 204 -8.41 14.62 -2.16
O MSE A 204 -8.24 15.37 -3.12
OXT MSE A 204 -9.17 14.89 -1.23
CB MSE A 204 -6.30 13.44 -1.60
CG MSE A 204 -6.29 13.42 -0.13
SE MSE A 204 -4.47 13.37 0.37
CE MSE A 204 -4.04 15.25 0.19
MG MG B . -3.85 -2.19 4.23
MG MG C . -1.48 -4.12 5.42
P AMP D . -3.76 -3.55 7.41
O1P AMP D . -3.39 -3.04 6.05
O2P AMP D . -2.58 -4.31 8.04
O3P AMP D . -4.98 -4.49 7.40
O5' AMP D . -4.13 -2.33 8.38
C5' AMP D . -3.27 -1.20 8.32
C4' AMP D . -3.11 -0.65 9.73
O4' AMP D . -4.38 -0.35 10.31
C3' AMP D . -2.43 -1.56 10.77
O3' AMP D . -1.04 -1.53 10.60
C2' AMP D . -2.95 -0.96 12.06
O2' AMP D . -2.28 0.26 12.37
C1' AMP D . -4.40 -0.62 11.69
N9 AMP D . -5.25 -1.80 11.94
C8 AMP D . -5.57 -2.80 11.06
N7 AMP D . -6.38 -3.68 11.71
C5 AMP D . -6.56 -3.25 12.97
C6 AMP D . -7.26 -3.73 14.08
N6 AMP D . -7.96 -4.87 14.00
N1 AMP D . -7.25 -3.04 15.26
C2 AMP D . -6.55 -1.86 15.40
N3 AMP D . -5.85 -1.39 14.32
C4 AMP D . -5.85 -2.05 13.13
#